data_7S7D
#
_entry.id   7S7D
#
_cell.length_a   65.335
_cell.length_b   65.335
_cell.length_c   237.606
_cell.angle_alpha   90.000
_cell.angle_beta   90.000
_cell.angle_gamma   90.000
#
_symmetry.space_group_name_H-M   'P 41 21 2'
#
loop_
_entity.id
_entity.type
_entity.pdbx_description
1 polymer 'HLA class I histocompatibility antigen, B-7 alpha chain'
2 polymer Beta-2-microglobulin
3 polymer 'MLL cleavage product N320'
4 non-polymer GLYCEROL
5 water water
#
loop_
_entity_poly.entity_id
_entity_poly.type
_entity_poly.pdbx_seq_one_letter_code
_entity_poly.pdbx_strand_id
1 'polypeptide(L)'
;GSHSMRYFYTSVSRPGRGEPRFISVGYVDDTQFVRFDSDAASPREEPRAPWIEQEGPEYWDRNTQIYKAQAQTDRESLRN
LRGYYNQSEAGSHTLQSMYGCDVGPDGRLLRGHDQYAYDGKDYIALNEDLRSWTAADTAAQITQRKWEAAREAEQRRAYL
EGECVEWLRRYLENGKDKLERADPPKTHVTHHPISDHEATLRCWALGFYPAEITLTWQRDGEDQTQDTELVETRPAGDRT
FQKWAAVVVPSGEEQRYTCHVQHEGLPKPLTLRWE
;
A
2 'polypeptide(L)'
;MIQRTPKIQVYSRHPAENGKSNFLNCYVSGFHPSDIEVDLLKNGERIEKVEHSDLSFSKDWSFYLLYYTEFTPTEKDEYA
CRVNHVTLSQPKIVKWDRDM
;
B
3 'polypeptide(L)' EPR(OSE)PSHSM E
#
# COMPACT_ATOMS: atom_id res chain seq x y z
N GLY A 1 21.25 1.88 6.29
CA GLY A 1 20.93 0.90 5.20
C GLY A 1 20.52 1.62 3.93
N SER A 2 20.06 0.88 2.90
CA SER A 2 19.43 1.44 1.68
C SER A 2 17.97 1.81 1.99
N HIS A 3 17.50 2.91 1.43
CA HIS A 3 16.17 3.50 1.78
C HIS A 3 15.55 4.14 0.55
N SER A 4 14.23 4.31 0.61
N SER A 4 14.22 4.33 0.60
CA SER A 4 13.46 4.98 -0.45
CA SER A 4 13.41 4.88 -0.52
C SER A 4 12.49 5.99 0.14
C SER A 4 12.37 5.86 0.04
N MET A 5 12.15 6.99 -0.66
CA MET A 5 11.00 7.87 -0.35
C MET A 5 10.09 7.84 -1.59
N ARG A 6 8.79 7.75 -1.37
CA ARG A 6 7.84 7.74 -2.50
C ARG A 6 6.63 8.59 -2.15
N TYR A 7 6.15 9.33 -3.15
CA TYR A 7 4.83 9.99 -3.13
C TYR A 7 3.94 9.31 -4.17
N PHE A 8 2.70 9.08 -3.79
CA PHE A 8 1.67 8.42 -4.61
C PHE A 8 0.46 9.35 -4.68
N TYR A 9 0.13 9.82 -5.87
CA TYR A 9 -1.08 10.65 -6.10
C TYR A 9 -2.11 9.86 -6.88
N THR A 10 -3.37 10.02 -6.51
CA THR A 10 -4.52 9.47 -7.25
C THR A 10 -5.52 10.61 -7.47
N SER A 11 -5.83 10.89 -8.74
CA SER A 11 -6.93 11.82 -9.12
C SER A 11 -7.99 11.01 -9.84
N VAL A 12 -9.24 11.22 -9.46
CA VAL A 12 -10.39 10.48 -10.05
C VAL A 12 -11.45 11.49 -10.47
N SER A 13 -11.71 11.56 -11.75
CA SER A 13 -12.72 12.51 -12.26
C SER A 13 -14.12 11.97 -11.89
N ARG A 14 -15.07 12.89 -11.87
CA ARG A 14 -16.47 12.60 -11.51
C ARG A 14 -17.33 13.64 -12.21
N PRO A 15 -17.32 13.65 -13.57
CA PRO A 15 -17.98 14.71 -14.31
C PRO A 15 -19.46 14.82 -13.92
N GLY A 16 -19.90 16.05 -13.63
CA GLY A 16 -21.26 16.31 -13.16
C GLY A 16 -21.33 16.46 -11.65
N ARG A 17 -20.31 16.02 -10.91
CA ARG A 17 -20.31 16.02 -9.45
C ARG A 17 -19.20 16.93 -8.92
N GLY A 18 -18.56 17.71 -9.79
CA GLY A 18 -17.52 18.67 -9.40
C GLY A 18 -16.13 18.23 -9.78
N GLU A 19 -15.15 18.90 -9.19
CA GLU A 19 -13.75 18.70 -9.59
C GLU A 19 -13.29 17.33 -9.13
N PRO A 20 -12.29 16.75 -9.82
CA PRO A 20 -11.78 15.44 -9.43
C PRO A 20 -11.34 15.41 -7.98
N ARG A 21 -11.47 14.25 -7.35
CA ARG A 21 -10.88 14.03 -6.02
C ARG A 21 -9.39 13.73 -6.18
N PHE A 22 -8.56 14.44 -5.45
CA PHE A 22 -7.10 14.25 -5.40
C PHE A 22 -6.71 13.74 -4.03
N ILE A 23 -6.00 12.61 -3.98
CA ILE A 23 -5.42 12.04 -2.74
C ILE A 23 -3.93 11.85 -2.95
N SER A 24 -3.12 12.31 -2.00
N SER A 24 -3.12 12.27 -1.99
CA SER A 24 -1.67 12.02 -1.96
CA SER A 24 -1.67 12.00 -1.98
C SER A 24 -1.37 11.24 -0.69
C SER A 24 -1.30 11.30 -0.68
N VAL A 25 -0.40 10.33 -0.78
CA VAL A 25 0.26 9.74 0.40
C VAL A 25 1.77 9.76 0.17
N GLY A 26 2.53 9.89 1.25
CA GLY A 26 3.99 9.81 1.22
C GLY A 26 4.47 8.67 2.08
N TYR A 27 5.50 7.98 1.61
CA TYR A 27 6.13 6.83 2.32
C TYR A 27 7.64 7.00 2.39
N VAL A 28 8.23 6.65 3.53
CA VAL A 28 9.66 6.29 3.65
C VAL A 28 9.69 4.77 3.79
N ASP A 29 10.31 4.06 2.86
CA ASP A 29 10.31 2.59 2.87
C ASP A 29 8.85 2.13 2.99
N ASP A 30 8.49 1.29 3.98
CA ASP A 30 7.13 0.74 4.10
C ASP A 30 6.31 1.54 5.14
N THR A 31 6.77 2.73 5.51
CA THR A 31 6.08 3.57 6.53
C THR A 31 5.39 4.76 5.85
N GLN A 32 4.06 4.84 5.91
CA GLN A 32 3.31 6.04 5.46
C GLN A 32 3.56 7.18 6.45
N PHE A 33 3.92 8.39 5.98
CA PHE A 33 4.19 9.49 6.94
C PHE A 33 3.33 10.73 6.69
N VAL A 34 2.74 10.88 5.51
CA VAL A 34 1.84 12.04 5.24
C VAL A 34 0.65 11.62 4.36
N ARG A 35 -0.41 12.40 4.43
CA ARG A 35 -1.56 12.31 3.51
C ARG A 35 -2.11 13.69 3.19
N PHE A 36 -2.81 13.77 2.07
CA PHE A 36 -3.65 14.92 1.70
C PHE A 36 -4.87 14.40 0.96
N ASP A 37 -6.04 14.93 1.26
CA ASP A 37 -7.32 14.56 0.59
C ASP A 37 -8.09 15.83 0.23
N SER A 38 -8.28 16.08 -1.06
CA SER A 38 -8.96 17.30 -1.55
C SER A 38 -10.42 17.37 -1.10
N ASP A 39 -11.00 16.24 -0.68
CA ASP A 39 -12.42 16.23 -0.23
C ASP A 39 -12.52 16.47 1.28
N ALA A 40 -11.41 16.49 2.02
CA ALA A 40 -11.42 16.81 3.47
C ALA A 40 -12.07 18.19 3.69
N ALA A 41 -12.64 18.42 4.88
CA ALA A 41 -13.37 19.66 5.24
C ALA A 41 -12.50 20.89 4.96
N SER A 42 -11.26 20.86 5.45
CA SER A 42 -10.23 21.92 5.26
C SER A 42 -8.94 21.25 4.81
N PRO A 43 -8.79 20.94 3.50
CA PRO A 43 -7.71 20.08 3.05
C PRO A 43 -6.33 20.63 3.44
N ARG A 44 -5.52 19.77 4.07
CA ARG A 44 -4.11 20.10 4.40
C ARG A 44 -3.32 18.81 4.47
N GLU A 45 -2.01 18.90 4.26
CA GLU A 45 -1.13 17.74 4.53
C GLU A 45 -1.21 17.45 6.03
N GLU A 46 -1.34 16.18 6.36
CA GLU A 46 -1.46 15.71 7.76
C GLU A 46 -0.39 14.65 8.02
N PRO A 47 0.16 14.63 9.24
CA PRO A 47 1.13 13.60 9.60
C PRO A 47 0.47 12.24 9.78
N ARG A 48 1.21 11.17 9.46
CA ARG A 48 0.71 9.78 9.64
C ARG A 48 1.80 8.90 10.26
N ALA A 49 2.94 9.47 10.64
CA ALA A 49 3.98 8.79 11.43
C ALA A 49 4.46 9.74 12.52
N PRO A 50 4.85 9.25 13.71
CA PRO A 50 5.22 10.17 14.79
C PRO A 50 6.41 11.09 14.49
N TRP A 51 7.40 10.60 13.74
CA TRP A 51 8.70 11.30 13.57
C TRP A 51 8.57 12.48 12.61
N ILE A 52 7.48 12.60 11.86
CA ILE A 52 7.26 13.78 10.96
C ILE A 52 6.60 14.92 11.76
N GLU A 53 5.98 14.63 12.90
CA GLU A 53 5.17 15.63 13.66
C GLU A 53 6.04 16.84 14.04
N GLN A 54 7.36 16.66 14.20
CA GLN A 54 8.30 17.72 14.64
C GLN A 54 8.55 18.75 13.53
N GLU A 55 8.17 18.48 12.28
CA GLU A 55 8.34 19.50 11.21
C GLU A 55 7.45 20.71 11.54
N GLY A 56 7.99 21.91 11.31
CA GLY A 56 7.36 23.16 11.73
C GLY A 56 6.20 23.54 10.82
N PRO A 57 5.41 24.57 11.19
CA PRO A 57 4.33 25.09 10.33
C PRO A 57 4.70 25.42 8.87
N GLU A 58 5.93 25.88 8.60
CA GLU A 58 6.32 26.28 7.22
C GLU A 58 6.28 25.04 6.32
N TYR A 59 6.69 23.89 6.85
CA TYR A 59 6.68 22.59 6.12
C TYR A 59 5.25 22.27 5.67
N TRP A 60 4.33 22.21 6.63
CA TRP A 60 2.93 21.80 6.38
C TRP A 60 2.29 22.79 5.41
N ASP A 61 2.53 24.08 5.61
N ASP A 61 2.51 24.08 5.62
CA ASP A 61 1.92 25.15 4.79
CA ASP A 61 1.92 25.16 4.78
C ASP A 61 2.42 25.04 3.34
C ASP A 61 2.42 25.02 3.34
N ARG A 62 3.72 24.84 3.14
CA ARG A 62 4.31 24.69 1.78
C ARG A 62 3.65 23.49 1.10
N ASN A 63 3.62 22.37 1.80
CA ASN A 63 3.22 21.10 1.17
C ASN A 63 1.74 21.18 0.82
N THR A 64 0.92 21.70 1.72
CA THR A 64 -0.54 21.87 1.48
C THR A 64 -0.75 22.69 0.21
N GLN A 65 -0.03 23.80 0.02
CA GLN A 65 -0.21 24.64 -1.20
C GLN A 65 0.21 23.83 -2.43
N ILE A 66 1.25 23.00 -2.31
CA ILE A 66 1.68 22.15 -3.46
C ILE A 66 0.53 21.22 -3.85
N TYR A 67 -0.03 20.48 -2.89
CA TYR A 67 -1.07 19.49 -3.22
C TYR A 67 -2.29 20.20 -3.83
N LYS A 68 -2.66 21.36 -3.30
CA LYS A 68 -3.83 22.09 -3.85
C LYS A 68 -3.59 22.46 -5.33
N ALA A 69 -2.39 22.93 -5.63
CA ALA A 69 -2.01 23.29 -7.02
C ALA A 69 -1.93 22.02 -7.86
N GLN A 70 -1.36 20.95 -7.33
CA GLN A 70 -1.24 19.69 -8.12
C GLN A 70 -2.64 19.15 -8.43
N ALA A 71 -3.59 19.26 -7.51
CA ALA A 71 -4.97 18.80 -7.76
C ALA A 71 -5.54 19.51 -8.98
N GLN A 72 -5.32 20.84 -9.07
CA GLN A 72 -5.82 21.64 -10.20
C GLN A 72 -5.10 21.22 -11.48
N THR A 73 -3.81 20.97 -11.39
CA THR A 73 -3.01 20.54 -12.56
C THR A 73 -3.50 19.16 -13.03
N ASP A 74 -3.73 18.23 -12.12
CA ASP A 74 -4.26 16.89 -12.49
C ASP A 74 -5.65 17.03 -13.13
N ARG A 75 -6.46 17.97 -12.66
CA ARG A 75 -7.79 18.22 -13.24
C ARG A 75 -7.62 18.59 -14.73
N GLU A 76 -6.69 19.49 -15.02
CA GLU A 76 -6.36 19.88 -16.43
C GLU A 76 -5.84 18.66 -17.20
N SER A 77 -4.96 17.89 -16.60
CA SER A 77 -4.43 16.66 -17.24
C SER A 77 -5.55 15.68 -17.57
N LEU A 78 -6.48 15.43 -16.66
CA LEU A 78 -7.61 14.51 -16.95
C LEU A 78 -8.44 15.05 -18.13
N ARG A 79 -8.64 16.36 -18.19
CA ARG A 79 -9.39 16.97 -19.32
C ARG A 79 -8.62 16.75 -20.62
N ASN A 80 -7.31 16.96 -20.61
CA ASN A 80 -6.49 16.81 -21.82
C ASN A 80 -6.48 15.35 -22.26
N LEU A 81 -6.33 14.42 -21.32
N LEU A 81 -6.28 14.45 -21.30
CA LEU A 81 -6.19 12.98 -21.67
CA LEU A 81 -6.21 12.98 -21.55
C LEU A 81 -7.50 12.40 -22.20
C LEU A 81 -7.49 12.51 -22.24
N ARG A 82 -8.67 12.82 -21.72
CA ARG A 82 -9.92 12.28 -22.34
C ARG A 82 -10.04 12.83 -23.76
N GLY A 83 -9.52 14.03 -24.01
CA GLY A 83 -9.43 14.62 -25.37
C GLY A 83 -8.49 13.81 -26.25
N TYR A 84 -7.29 13.53 -25.77
CA TYR A 84 -6.30 12.75 -26.56
C TYR A 84 -6.86 11.39 -26.97
N TYR A 85 -7.69 10.78 -26.12
CA TYR A 85 -8.20 9.41 -26.35
C TYR A 85 -9.63 9.44 -26.93
N ASN A 86 -10.17 10.62 -27.18
CA ASN A 86 -11.49 10.79 -27.83
C ASN A 86 -12.55 10.13 -26.94
N GLN A 87 -12.42 10.29 -25.61
CA GLN A 87 -13.32 9.60 -24.65
C GLN A 87 -14.51 10.49 -24.29
N SER A 88 -15.61 9.87 -23.89
CA SER A 88 -16.83 10.59 -23.42
C SER A 88 -16.48 11.54 -22.26
N GLU A 89 -17.05 12.73 -22.28
CA GLU A 89 -16.90 13.72 -21.18
C GLU A 89 -17.79 13.34 -19.99
N ALA A 90 -18.56 12.27 -20.03
CA ALA A 90 -19.47 11.86 -18.91
C ALA A 90 -18.78 10.90 -17.95
N GLY A 91 -17.74 10.19 -18.38
CA GLY A 91 -17.22 9.05 -17.62
C GLY A 91 -16.19 9.46 -16.59
N SER A 92 -15.99 8.62 -15.57
CA SER A 92 -14.93 8.77 -14.55
C SER A 92 -13.63 8.10 -15.02
N HIS A 93 -12.52 8.80 -14.86
CA HIS A 93 -11.18 8.31 -15.24
C HIS A 93 -10.21 8.56 -14.10
N THR A 94 -9.12 7.81 -14.11
CA THR A 94 -8.11 7.84 -13.03
C THR A 94 -6.75 8.27 -13.55
N LEU A 95 -6.11 9.22 -12.87
CA LEU A 95 -4.71 9.58 -13.14
C LEU A 95 -3.91 9.28 -11.88
N GLN A 96 -2.92 8.39 -12.01
CA GLN A 96 -2.04 8.08 -10.86
C GLN A 96 -0.63 8.57 -11.17
N SER A 97 0.01 9.08 -10.13
CA SER A 97 1.39 9.59 -10.19
C SER A 97 2.21 8.89 -9.10
N MET A 98 3.46 8.55 -9.41
N MET A 98 3.40 8.40 -9.46
CA MET A 98 4.33 7.87 -8.42
CA MET A 98 4.37 7.90 -8.46
C MET A 98 5.76 8.40 -8.65
C MET A 98 5.70 8.60 -8.71
N TYR A 99 6.37 9.01 -7.64
CA TYR A 99 7.74 9.53 -7.80
C TYR A 99 8.49 9.39 -6.49
N GLY A 100 9.81 9.42 -6.61
CA GLY A 100 10.71 9.50 -5.45
C GLY A 100 12.06 8.93 -5.74
N CYS A 101 12.79 8.63 -4.67
CA CYS A 101 14.25 8.36 -4.75
C CYS A 101 14.59 7.12 -3.92
N ASP A 102 15.54 6.36 -4.43
CA ASP A 102 16.20 5.23 -3.74
C ASP A 102 17.61 5.72 -3.40
N VAL A 103 18.04 5.55 -2.16
CA VAL A 103 19.40 5.96 -1.72
C VAL A 103 20.09 4.76 -1.07
N GLY A 104 21.43 4.77 -1.10
CA GLY A 104 22.24 3.74 -0.44
C GLY A 104 22.48 4.11 1.02
N PRO A 105 23.28 3.31 1.75
CA PRO A 105 23.65 3.59 3.15
C PRO A 105 24.29 4.96 3.41
N ASP A 106 25.02 5.51 2.44
CA ASP A 106 25.70 6.84 2.56
C ASP A 106 24.72 7.99 2.25
N GLY A 107 23.49 7.67 1.85
CA GLY A 107 22.45 8.67 1.52
C GLY A 107 22.56 9.18 0.09
N ARG A 108 23.44 8.60 -0.70
CA ARG A 108 23.65 8.96 -2.13
C ARG A 108 22.52 8.42 -3.00
N LEU A 109 22.12 9.17 -4.02
CA LEU A 109 21.01 8.77 -4.94
C LEU A 109 21.45 7.57 -5.78
N LEU A 110 20.67 6.48 -5.72
CA LEU A 110 20.89 5.26 -6.55
C LEU A 110 19.97 5.33 -7.76
N ARG A 111 18.73 5.81 -7.57
CA ARG A 111 17.73 5.78 -8.66
C ARG A 111 16.63 6.81 -8.34
N GLY A 112 16.21 7.55 -9.35
CA GLY A 112 15.03 8.42 -9.28
C GLY A 112 13.90 7.80 -10.07
N HIS A 113 12.68 8.15 -9.70
CA HIS A 113 11.41 7.63 -10.28
C HIS A 113 10.44 8.79 -10.46
N ASP A 114 9.80 8.86 -11.62
CA ASP A 114 8.71 9.83 -11.85
C ASP A 114 7.83 9.27 -12.96
N GLN A 115 6.70 8.67 -12.61
CA GLN A 115 5.90 8.00 -13.64
C GLN A 115 4.40 8.06 -13.34
N TYR A 116 3.64 7.71 -14.36
CA TYR A 116 2.19 8.01 -14.42
C TYR A 116 1.44 6.87 -15.09
N ALA A 117 0.21 6.68 -14.65
CA ALA A 117 -0.74 5.72 -15.24
C ALA A 117 -2.08 6.41 -15.42
N TYR A 118 -2.71 6.10 -16.53
CA TYR A 118 -4.07 6.58 -16.87
C TYR A 118 -4.97 5.36 -16.93
N ASP A 119 -6.05 5.36 -16.15
CA ASP A 119 -6.99 4.22 -16.06
C ASP A 119 -6.21 2.92 -15.85
N GLY A 120 -5.20 2.97 -14.99
CA GLY A 120 -4.48 1.76 -14.53
C GLY A 120 -3.42 1.28 -15.49
N LYS A 121 -3.20 2.02 -16.57
CA LYS A 121 -2.23 1.63 -17.60
C LYS A 121 -1.06 2.63 -17.61
N ASP A 122 0.17 2.12 -17.68
CA ASP A 122 1.36 3.01 -17.81
C ASP A 122 1.13 3.98 -18.96
N TYR A 123 1.40 5.25 -18.72
CA TYR A 123 1.17 6.36 -19.67
C TYR A 123 2.52 7.00 -20.07
N ILE A 124 3.22 7.59 -19.11
CA ILE A 124 4.55 8.19 -19.38
C ILE A 124 5.44 7.98 -18.14
N ALA A 125 6.74 7.85 -18.34
CA ALA A 125 7.69 7.63 -17.24
C ALA A 125 9.02 8.31 -17.57
N LEU A 126 9.59 8.94 -16.56
CA LEU A 126 10.96 9.49 -16.64
C LEU A 126 11.93 8.30 -16.64
N ASN A 127 12.85 8.29 -17.60
CA ASN A 127 13.85 7.20 -17.72
C ASN A 127 14.86 7.31 -16.56
N GLU A 128 15.61 6.24 -16.35
CA GLU A 128 16.64 6.12 -15.29
C GLU A 128 17.66 7.26 -15.44
N ASP A 129 17.88 7.76 -16.66
CA ASP A 129 18.86 8.87 -16.91
C ASP A 129 18.33 10.18 -16.30
N LEU A 130 17.06 10.25 -15.89
CA LEU A 130 16.38 11.44 -15.31
C LEU A 130 16.40 12.60 -16.31
N ARG A 131 16.48 12.31 -17.60
CA ARG A 131 16.66 13.36 -18.63
C ARG A 131 15.75 13.10 -19.84
N SER A 132 15.15 11.91 -19.94
CA SER A 132 14.36 11.48 -21.12
C SER A 132 13.09 10.77 -20.66
N TRP A 133 12.09 10.73 -21.52
CA TRP A 133 10.76 10.15 -21.23
C TRP A 133 10.56 8.89 -22.07
N THR A 134 9.82 7.94 -21.52
CA THR A 134 9.21 6.83 -22.30
C THR A 134 7.69 7.04 -22.30
N ALA A 135 7.12 7.20 -23.49
CA ALA A 135 5.67 7.38 -23.71
C ALA A 135 5.07 6.05 -24.18
N ALA A 136 3.88 5.70 -23.69
CA ALA A 136 3.26 4.39 -23.98
C ALA A 136 2.59 4.40 -25.37
N ASP A 137 2.18 5.57 -25.88
CA ASP A 137 1.35 5.66 -27.10
C ASP A 137 1.37 7.08 -27.65
N THR A 138 0.60 7.36 -28.71
CA THR A 138 0.62 8.67 -29.39
C THR A 138 0.03 9.74 -28.49
N ALA A 139 -0.92 9.40 -27.60
CA ALA A 139 -1.46 10.35 -26.62
C ALA A 139 -0.31 10.78 -25.70
N ALA A 140 0.39 9.82 -25.13
CA ALA A 140 1.51 10.10 -24.19
C ALA A 140 2.62 10.87 -24.91
N GLN A 141 2.79 10.70 -26.23
CA GLN A 141 3.77 11.50 -27.01
C GLN A 141 3.37 12.97 -27.05
N ILE A 142 2.08 13.30 -27.01
CA ILE A 142 1.63 14.70 -26.92
C ILE A 142 2.16 15.26 -25.59
N THR A 143 1.96 14.50 -24.53
CA THR A 143 2.44 14.93 -23.19
C THR A 143 3.96 15.04 -23.25
N GLN A 144 4.62 14.04 -23.82
CA GLN A 144 6.11 14.05 -23.92
C GLN A 144 6.58 15.34 -24.60
N ARG A 145 5.98 15.73 -25.73
CA ARG A 145 6.48 16.93 -26.45
C ARG A 145 6.22 18.18 -25.62
N LYS A 146 5.09 18.23 -24.92
CA LYS A 146 4.73 19.37 -24.05
C LYS A 146 5.78 19.48 -22.94
N TRP A 147 6.18 18.35 -22.37
CA TRP A 147 7.09 18.32 -21.19
C TRP A 147 8.53 18.56 -21.66
N GLU A 148 8.86 18.15 -22.87
CA GLU A 148 10.21 18.44 -23.44
C GLU A 148 10.32 19.96 -23.66
N ALA A 149 9.28 20.59 -24.22
CA ALA A 149 9.27 22.05 -24.49
C ALA A 149 9.39 22.82 -23.17
N ALA A 150 8.74 22.34 -22.12
CA ALA A 150 8.68 23.00 -20.79
C ALA A 150 9.89 22.63 -19.92
N ARG A 151 10.81 21.78 -20.41
CA ARG A 151 12.00 21.33 -19.65
C ARG A 151 11.59 20.69 -18.31
N GLU A 152 10.52 19.89 -18.35
CA GLU A 152 9.97 19.21 -17.16
C GLU A 152 11.02 18.26 -16.57
N ALA A 153 11.75 17.49 -17.39
CA ALA A 153 12.72 16.50 -16.85
C ALA A 153 13.75 17.20 -15.96
N GLU A 154 14.23 18.39 -16.33
CA GLU A 154 15.21 19.13 -15.49
C GLU A 154 14.58 19.47 -14.12
N GLN A 155 13.29 19.85 -14.11
CA GLN A 155 12.54 20.18 -12.86
C GLN A 155 12.46 18.91 -11.99
N ARG A 156 12.16 17.76 -12.60
CA ARG A 156 12.02 16.48 -11.86
CA ARG A 156 12.03 16.47 -11.86
C ARG A 156 13.40 16.07 -11.33
N ARG A 157 14.43 16.17 -12.17
CA ARG A 157 15.82 15.77 -11.82
C ARG A 157 16.30 16.62 -10.64
N ALA A 158 16.04 17.93 -10.65
CA ALA A 158 16.46 18.86 -9.56
C ALA A 158 15.86 18.38 -8.24
N TYR A 159 14.58 18.01 -8.24
CA TYR A 159 13.89 17.51 -7.03
C TYR A 159 14.51 16.18 -6.59
N LEU A 160 14.63 15.25 -7.53
CA LEU A 160 15.03 13.84 -7.22
C LEU A 160 16.47 13.79 -6.69
N GLU A 161 17.36 14.63 -7.20
CA GLU A 161 18.79 14.65 -6.79
C GLU A 161 18.94 15.56 -5.57
N GLY A 162 17.97 16.45 -5.34
CA GLY A 162 18.08 17.56 -4.37
C GLY A 162 17.18 17.31 -3.17
N GLU A 163 16.00 17.92 -3.18
CA GLU A 163 15.02 17.87 -2.06
C GLU A 163 14.71 16.41 -1.70
N CYS A 164 14.57 15.51 -2.68
CA CYS A 164 14.17 14.10 -2.39
C CYS A 164 15.23 13.48 -1.47
N VAL A 165 16.49 13.53 -1.90
CA VAL A 165 17.64 12.90 -1.19
C VAL A 165 17.82 13.59 0.16
N GLU A 166 17.80 14.93 0.20
N GLU A 166 17.78 14.92 0.19
CA GLU A 166 18.09 15.71 1.42
CA GLU A 166 18.08 15.73 1.40
C GLU A 166 16.97 15.50 2.45
C GLU A 166 16.97 15.54 2.45
N TRP A 167 15.71 15.55 2.02
CA TRP A 167 14.57 15.36 2.96
C TRP A 167 14.50 13.90 3.43
N LEU A 168 14.76 12.93 2.56
CA LEU A 168 14.81 11.51 3.00
C LEU A 168 15.91 11.33 4.07
N ARG A 169 17.09 11.91 3.86
CA ARG A 169 18.19 11.88 4.86
CA ARG A 169 18.20 11.89 4.86
C ARG A 169 17.67 12.41 6.20
N ARG A 170 16.97 13.55 6.17
CA ARG A 170 16.40 14.20 7.38
C ARG A 170 15.44 13.23 8.06
N TYR A 171 14.49 12.66 7.33
CA TYR A 171 13.45 11.77 7.90
C TYR A 171 14.12 10.58 8.58
N LEU A 172 15.17 10.03 7.97
CA LEU A 172 15.88 8.85 8.53
C LEU A 172 16.55 9.26 9.84
N GLU A 173 17.12 10.47 9.90
CA GLU A 173 17.73 11.04 11.13
C GLU A 173 16.67 11.17 12.23
N ASN A 174 15.50 11.73 11.93
CA ASN A 174 14.43 11.99 12.93
C ASN A 174 13.67 10.69 13.26
N GLY A 175 13.54 9.76 12.32
CA GLY A 175 12.83 8.48 12.52
C GLY A 175 13.68 7.42 13.20
N LYS A 176 15.00 7.62 13.27
CA LYS A 176 15.96 6.81 14.07
C LYS A 176 15.58 5.33 13.98
N ASP A 177 15.34 4.66 15.12
CA ASP A 177 15.24 3.18 15.17
C ASP A 177 13.97 2.72 14.45
N LYS A 178 12.92 3.54 14.40
CA LYS A 178 11.66 3.18 13.70
C LYS A 178 11.92 2.94 12.21
N LEU A 179 12.87 3.66 11.60
CA LEU A 179 13.11 3.55 10.14
C LEU A 179 14.39 2.75 9.84
N GLU A 180 15.38 2.77 10.74
CA GLU A 180 16.72 2.21 10.41
C GLU A 180 16.82 0.76 10.90
N ARG A 181 16.13 0.40 11.98
CA ARG A 181 16.28 -0.92 12.66
C ARG A 181 15.03 -1.77 12.38
N ALA A 182 15.18 -2.83 11.59
CA ALA A 182 14.08 -3.77 11.28
C ALA A 182 13.54 -4.36 12.60
N ASP A 183 12.23 -4.59 12.63
CA ASP A 183 11.50 -5.21 13.75
C ASP A 183 11.24 -6.66 13.35
N PRO A 184 11.87 -7.66 13.99
CA PRO A 184 11.69 -9.04 13.57
C PRO A 184 10.28 -9.52 13.85
N PRO A 185 9.83 -10.56 13.13
CA PRO A 185 8.54 -11.17 13.41
C PRO A 185 8.52 -11.88 14.77
N LYS A 186 7.34 -11.85 15.39
CA LYS A 186 6.95 -12.75 16.49
C LYS A 186 6.33 -13.96 15.80
N THR A 187 6.80 -15.16 16.10
CA THR A 187 6.46 -16.35 15.30
C THR A 187 5.87 -17.43 16.18
N HIS A 188 4.96 -18.20 15.61
CA HIS A 188 4.42 -19.40 16.27
C HIS A 188 3.80 -20.32 15.23
N VAL A 189 3.67 -21.58 15.59
CA VAL A 189 3.04 -22.62 14.74
C VAL A 189 1.75 -23.05 15.42
N THR A 190 0.66 -23.08 14.66
CA THR A 190 -0.60 -23.67 15.13
C THR A 190 -0.90 -24.96 14.37
N HIS A 191 -1.77 -25.77 14.96
CA HIS A 191 -2.11 -27.12 14.49
C HIS A 191 -3.63 -27.26 14.51
N HIS A 192 -4.19 -27.69 13.40
CA HIS A 192 -5.66 -27.77 13.23
C HIS A 192 -5.98 -29.13 12.59
N PRO A 193 -6.45 -30.13 13.36
CA PRO A 193 -6.94 -31.37 12.75
C PRO A 193 -8.03 -31.06 11.73
N ILE A 194 -7.96 -31.69 10.56
CA ILE A 194 -9.00 -31.65 9.51
C ILE A 194 -9.86 -32.91 9.66
N SER A 195 -9.22 -34.02 9.98
CA SER A 195 -9.80 -35.37 10.03
C SER A 195 -8.91 -36.25 10.91
N ASP A 196 -9.22 -37.54 11.01
CA ASP A 196 -8.37 -38.51 11.75
C ASP A 196 -7.03 -38.68 11.06
N HIS A 197 -6.92 -38.29 9.78
CA HIS A 197 -5.74 -38.63 8.94
C HIS A 197 -4.99 -37.42 8.42
N GLU A 198 -5.56 -36.20 8.52
CA GLU A 198 -4.93 -34.96 7.97
C GLU A 198 -5.02 -33.84 9.01
N ALA A 199 -3.96 -33.02 9.08
CA ALA A 199 -3.97 -31.82 9.94
C ALA A 199 -3.29 -30.69 9.19
N THR A 200 -3.70 -29.46 9.53
CA THR A 200 -3.04 -28.24 9.03
C THR A 200 -1.98 -27.80 10.04
N LEU A 201 -0.78 -27.55 9.56
CA LEU A 201 0.22 -26.78 10.32
C LEU A 201 0.29 -25.38 9.71
N ARG A 202 0.17 -24.36 10.55
CA ARG A 202 0.20 -22.96 10.10
C ARG A 202 1.31 -22.22 10.84
N CYS A 203 2.21 -21.62 10.07
CA CYS A 203 3.39 -20.89 10.57
C CYS A 203 3.07 -19.41 10.45
N TRP A 204 3.07 -18.71 11.56
CA TRP A 204 2.70 -17.29 11.70
C TRP A 204 3.93 -16.41 11.87
N ALA A 205 3.95 -15.28 11.20
CA ALA A 205 4.89 -14.16 11.41
C ALA A 205 4.06 -12.91 11.63
N LEU A 206 4.18 -12.32 12.82
CA LEU A 206 3.36 -11.16 13.24
C LEU A 206 4.26 -10.02 13.69
N GLY A 207 3.81 -8.79 13.45
CA GLY A 207 4.43 -7.59 14.05
C GLY A 207 5.80 -7.28 13.44
N PHE A 208 6.05 -7.63 12.18
CA PHE A 208 7.39 -7.43 11.59
C PHE A 208 7.38 -6.17 10.71
N TYR A 209 8.57 -5.61 10.53
CA TYR A 209 8.81 -4.42 9.69
C TYR A 209 10.26 -4.47 9.24
N PRO A 210 10.60 -4.25 7.95
CA PRO A 210 9.64 -3.94 6.89
C PRO A 210 8.86 -5.16 6.38
N ALA A 211 8.08 -5.00 5.31
CA ALA A 211 7.11 -6.03 4.86
C ALA A 211 7.82 -7.23 4.23
N GLU A 212 9.00 -7.06 3.64
CA GLU A 212 9.70 -8.17 2.96
C GLU A 212 9.94 -9.29 3.97
N ILE A 213 9.52 -10.50 3.62
CA ILE A 213 9.71 -11.70 4.47
C ILE A 213 9.65 -12.92 3.57
N THR A 214 10.22 -14.02 4.02
CA THR A 214 10.05 -15.34 3.36
C THR A 214 9.67 -16.34 4.43
N LEU A 215 8.54 -17.05 4.21
CA LEU A 215 8.10 -18.19 5.04
C LEU A 215 8.06 -19.41 4.15
N THR A 216 8.71 -20.51 4.55
CA THR A 216 8.69 -21.76 3.76
C THR A 216 8.49 -22.91 4.74
N TRP A 217 7.67 -23.88 4.36
CA TRP A 217 7.62 -25.16 5.08
C TRP A 217 8.60 -26.13 4.42
N GLN A 218 9.28 -26.91 5.24
CA GLN A 218 10.20 -27.96 4.77
C GLN A 218 9.74 -29.27 5.38
N ARG A 219 9.88 -30.35 4.63
CA ARG A 219 9.73 -31.74 5.11
C ARG A 219 11.13 -32.33 5.09
N ASP A 220 11.65 -32.71 6.26
CA ASP A 220 13.06 -33.14 6.40
C ASP A 220 14.00 -32.14 5.72
N GLY A 221 13.78 -30.84 5.93
CA GLY A 221 14.72 -29.80 5.47
C GLY A 221 14.67 -29.54 3.96
N GLU A 222 13.67 -30.07 3.24
CA GLU A 222 13.43 -29.78 1.80
C GLU A 222 12.17 -28.93 1.61
N ASP A 223 12.25 -27.80 0.89
CA ASP A 223 11.12 -26.84 0.68
C ASP A 223 9.92 -27.59 0.11
N GLN A 224 8.70 -27.30 0.62
CA GLN A 224 7.40 -27.90 0.20
C GLN A 224 6.61 -26.87 -0.61
N THR A 225 7.25 -26.28 -1.62
CA THR A 225 6.74 -25.13 -2.40
C THR A 225 5.32 -25.44 -2.91
N GLN A 226 5.20 -26.53 -3.66
CA GLN A 226 3.95 -26.84 -4.42
C GLN A 226 2.80 -27.25 -3.47
N ASP A 227 3.04 -27.41 -2.16
CA ASP A 227 1.99 -27.89 -1.21
C ASP A 227 1.69 -26.85 -0.12
N THR A 228 2.32 -25.67 -0.18
CA THR A 228 2.16 -24.62 0.87
C THR A 228 1.08 -23.63 0.43
N GLU A 229 0.15 -23.31 1.34
CA GLU A 229 -0.80 -22.20 1.14
C GLU A 229 -0.11 -20.98 1.79
N LEU A 230 0.11 -19.93 1.04
CA LEU A 230 0.85 -18.74 1.51
C LEU A 230 -0.07 -17.54 1.30
N VAL A 231 -0.45 -16.84 2.35
CA VAL A 231 -1.27 -15.61 2.19
C VAL A 231 -0.36 -14.43 1.85
N GLU A 232 -0.92 -13.47 1.11
CA GLU A 232 -0.19 -12.21 0.84
C GLU A 232 0.08 -11.48 2.15
N THR A 233 1.26 -10.88 2.20
CA THR A 233 1.67 -10.07 3.36
C THR A 233 0.63 -8.96 3.54
N ARG A 234 0.21 -8.73 4.78
CA ARG A 234 -0.93 -7.84 5.07
C ARG A 234 -0.58 -6.95 6.25
N PRO A 235 -1.09 -5.70 6.27
CA PRO A 235 -0.82 -4.78 7.34
C PRO A 235 -1.60 -5.10 8.61
N ALA A 236 -0.93 -5.01 9.76
CA ALA A 236 -1.59 -5.21 11.06
C ALA A 236 -2.44 -4.00 11.41
N GLY A 237 -2.11 -2.83 10.86
CA GLY A 237 -2.77 -1.56 11.16
C GLY A 237 -2.00 -0.69 12.14
N ASP A 238 -0.88 -1.19 12.68
CA ASP A 238 -0.03 -0.47 13.67
C ASP A 238 1.36 -0.20 13.05
N ARG A 239 1.43 -0.19 11.72
CA ARG A 239 2.65 0.03 10.88
C ARG A 239 3.48 -1.24 10.75
N THR A 240 3.08 -2.36 11.36
CA THR A 240 3.78 -3.65 11.17
C THR A 240 2.93 -4.57 10.28
N PHE A 241 3.50 -5.71 9.90
CA PHE A 241 2.94 -6.61 8.89
C PHE A 241 2.77 -8.02 9.48
N GLN A 242 1.97 -8.80 8.77
CA GLN A 242 1.61 -10.20 9.13
C GLN A 242 1.73 -11.06 7.88
N LYS A 243 2.03 -12.33 8.07
CA LYS A 243 1.98 -13.33 6.99
C LYS A 243 1.86 -14.69 7.64
N TRP A 244 1.24 -15.63 6.96
CA TRP A 244 1.28 -17.04 7.39
C TRP A 244 1.44 -17.96 6.19
N ALA A 245 1.95 -19.15 6.45
CA ALA A 245 2.14 -20.23 5.47
C ALA A 245 1.58 -21.49 6.11
N ALA A 246 0.81 -22.28 5.37
CA ALA A 246 0.21 -23.51 5.93
C ALA A 246 0.47 -24.71 5.02
N VAL A 247 0.57 -25.87 5.65
CA VAL A 247 0.75 -27.15 4.91
C VAL A 247 -0.19 -28.16 5.56
N VAL A 248 -0.80 -29.01 4.73
CA VAL A 248 -1.62 -30.12 5.24
C VAL A 248 -0.73 -31.35 5.25
N VAL A 249 -0.68 -32.01 6.41
CA VAL A 249 0.24 -33.16 6.64
C VAL A 249 -0.54 -34.36 7.18
N PRO A 250 0.00 -35.58 7.00
CA PRO A 250 -0.59 -36.75 7.63
C PRO A 250 -0.51 -36.68 9.16
N SER A 251 -1.60 -37.01 9.83
CA SER A 251 -1.63 -37.05 11.30
C SER A 251 -0.50 -37.95 11.80
N GLY A 252 0.30 -37.46 12.75
CA GLY A 252 1.43 -38.21 13.32
C GLY A 252 2.75 -37.96 12.61
N GLU A 253 2.75 -37.24 11.50
CA GLU A 253 3.98 -36.89 10.76
C GLU A 253 4.41 -35.46 11.01
N GLU A 254 3.73 -34.72 11.90
CA GLU A 254 4.01 -33.28 12.10
C GLU A 254 5.49 -33.04 12.40
N GLN A 255 6.15 -33.97 13.09
CA GLN A 255 7.54 -33.76 13.56
C GLN A 255 8.51 -33.64 12.38
N ARG A 256 8.11 -34.09 11.19
CA ARG A 256 8.97 -34.06 9.98
C ARG A 256 9.01 -32.65 9.40
N TYR A 257 8.14 -31.73 9.86
CA TYR A 257 7.91 -30.43 9.19
C TYR A 257 8.48 -29.29 10.01
N THR A 258 9.19 -28.40 9.34
CA THR A 258 9.74 -27.18 9.96
C THR A 258 9.39 -25.98 9.08
N CYS A 259 9.12 -24.87 9.74
CA CYS A 259 8.87 -23.58 9.09
C CYS A 259 10.14 -22.75 9.18
N HIS A 260 10.57 -22.23 8.04
CA HIS A 260 11.80 -21.40 7.91
C HIS A 260 11.36 -19.96 7.67
N VAL A 261 11.88 -19.07 8.50
CA VAL A 261 11.53 -17.63 8.46
C VAL A 261 12.78 -16.84 8.16
N GLN A 262 12.72 -16.03 7.10
CA GLN A 262 13.81 -15.09 6.72
C GLN A 262 13.24 -13.68 6.80
N HIS A 263 13.87 -12.85 7.62
CA HIS A 263 13.49 -11.43 7.78
C HIS A 263 14.73 -10.62 8.18
N GLU A 264 14.84 -9.40 7.68
CA GLU A 264 15.97 -8.48 7.97
C GLU A 264 16.16 -8.28 9.48
N GLY A 265 15.10 -8.32 10.28
CA GLY A 265 15.12 -8.05 11.74
C GLY A 265 15.64 -9.23 12.54
N LEU A 266 15.70 -10.43 11.97
CA LEU A 266 16.13 -11.66 12.65
C LEU A 266 17.65 -11.68 12.68
N PRO A 267 18.26 -12.01 13.83
CA PRO A 267 19.70 -12.21 13.89
C PRO A 267 20.16 -13.27 12.86
N LYS A 268 19.38 -14.34 12.74
CA LYS A 268 19.61 -15.41 11.72
C LYS A 268 18.26 -16.01 11.36
N PRO A 269 18.15 -16.70 10.19
CA PRO A 269 16.92 -17.36 9.81
C PRO A 269 16.43 -18.28 10.93
N LEU A 270 15.12 -18.27 11.19
CA LEU A 270 14.48 -19.11 12.22
C LEU A 270 14.03 -20.41 11.58
N THR A 271 14.10 -21.48 12.37
CA THR A 271 13.47 -22.78 12.13
C THR A 271 12.49 -23.01 13.27
N LEU A 272 11.22 -23.16 12.94
CA LEU A 272 10.11 -23.33 13.90
C LEU A 272 9.47 -24.68 13.66
N ARG A 273 8.88 -25.22 14.72
N ARG A 273 8.79 -25.18 14.67
CA ARG A 273 8.18 -26.52 14.75
CA ARG A 273 8.06 -26.45 14.60
C ARG A 273 6.84 -26.33 15.49
C ARG A 273 6.89 -26.40 15.57
N TRP A 274 5.95 -27.30 15.39
CA TRP A 274 4.77 -27.38 16.27
C TRP A 274 5.24 -27.75 17.68
N GLU A 275 5.16 -26.81 18.61
CA GLU A 275 5.60 -27.04 20.01
C GLU A 275 4.97 -25.99 20.94
N MET B 1 -11.10 -0.24 -20.55
CA MET B 1 -10.38 0.34 -19.39
C MET B 1 -9.98 -0.80 -18.43
N ILE B 2 -8.86 -0.66 -17.72
CA ILE B 2 -8.36 -1.72 -16.79
C ILE B 2 -9.38 -1.90 -15.69
N GLN B 3 -9.75 -3.15 -15.41
CA GLN B 3 -10.52 -3.52 -14.20
C GLN B 3 -9.78 -4.68 -13.56
N ARG B 4 -9.43 -4.56 -12.30
CA ARG B 4 -8.80 -5.65 -11.54
CA ARG B 4 -8.76 -5.62 -11.50
C ARG B 4 -9.64 -5.94 -10.29
N THR B 5 -9.88 -7.23 -10.07
CA THR B 5 -10.75 -7.72 -8.98
C THR B 5 -10.02 -7.65 -7.65
N PRO B 6 -10.63 -7.11 -6.57
CA PRO B 6 -9.98 -7.06 -5.28
C PRO B 6 -9.71 -8.45 -4.68
N LYS B 7 -8.54 -8.56 -4.08
CA LYS B 7 -8.21 -9.62 -3.09
C LYS B 7 -8.69 -9.13 -1.74
N ILE B 8 -9.15 -10.06 -0.90
CA ILE B 8 -9.72 -9.73 0.42
C ILE B 8 -9.13 -10.65 1.48
N GLN B 9 -8.66 -10.07 2.58
CA GLN B 9 -8.33 -10.85 3.79
C GLN B 9 -8.98 -10.19 4.98
N VAL B 10 -9.60 -10.99 5.84
CA VAL B 10 -10.21 -10.53 7.11
C VAL B 10 -9.44 -11.20 8.24
N TYR B 11 -9.07 -10.43 9.26
CA TYR B 11 -8.13 -10.91 10.30
C TYR B 11 -8.11 -9.89 11.43
N SER B 12 -7.62 -10.32 12.58
CA SER B 12 -7.43 -9.44 13.76
C SER B 12 -6.00 -8.93 13.79
N ARG B 13 -5.79 -7.76 14.36
CA ARG B 13 -4.44 -7.18 14.54
C ARG B 13 -3.60 -8.10 15.41
N HIS B 14 -4.15 -8.56 16.54
CA HIS B 14 -3.48 -9.46 17.51
C HIS B 14 -4.21 -10.80 17.54
N PRO B 15 -3.54 -11.90 17.90
CA PRO B 15 -4.23 -13.17 18.08
C PRO B 15 -5.44 -12.96 19.01
N ALA B 16 -6.59 -13.49 18.61
CA ALA B 16 -7.88 -13.26 19.31
C ALA B 16 -7.83 -13.95 20.67
N GLU B 17 -8.28 -13.24 21.69
CA GLU B 17 -8.53 -13.78 23.04
C GLU B 17 -9.90 -13.25 23.45
N ASN B 18 -10.86 -14.14 23.64
CA ASN B 18 -12.26 -13.77 23.98
C ASN B 18 -12.21 -12.83 25.17
N GLY B 19 -12.87 -11.67 25.07
CA GLY B 19 -13.01 -10.68 26.15
C GLY B 19 -11.89 -9.64 26.15
N LYS B 20 -10.92 -9.74 25.21
CA LYS B 20 -9.73 -8.87 25.16
C LYS B 20 -9.86 -7.94 23.94
N SER B 21 -9.73 -6.64 24.15
CA SER B 21 -9.83 -5.58 23.11
C SER B 21 -8.81 -5.87 22.00
N ASN B 22 -9.20 -5.67 20.75
CA ASN B 22 -8.41 -6.03 19.55
C ASN B 22 -8.84 -5.10 18.42
N PHE B 23 -8.33 -5.30 17.21
CA PHE B 23 -8.82 -4.62 15.99
C PHE B 23 -9.21 -5.68 14.97
N LEU B 24 -10.34 -5.46 14.31
CA LEU B 24 -10.81 -6.28 13.18
C LEU B 24 -10.45 -5.54 11.89
N ASN B 25 -9.75 -6.25 11.02
CA ASN B 25 -9.15 -5.71 9.78
C ASN B 25 -9.77 -6.41 8.58
N CYS B 26 -10.11 -5.63 7.57
CA CYS B 26 -10.42 -6.14 6.23
C CYS B 26 -9.50 -5.42 5.24
N TYR B 27 -8.56 -6.16 4.70
CA TYR B 27 -7.53 -5.65 3.76
C TYR B 27 -7.99 -5.98 2.35
N VAL B 28 -8.21 -4.93 1.56
CA VAL B 28 -8.63 -5.11 0.13
CA VAL B 28 -8.65 -5.08 0.15
C VAL B 28 -7.48 -4.59 -0.72
N SER B 29 -7.06 -5.40 -1.69
CA SER B 29 -5.86 -5.03 -2.49
C SER B 29 -5.97 -5.54 -3.91
N GLY B 30 -5.11 -5.02 -4.77
CA GLY B 30 -4.99 -5.50 -6.15
C GLY B 30 -6.13 -5.04 -7.02
N PHE B 31 -6.86 -3.98 -6.66
CA PHE B 31 -8.08 -3.64 -7.41
C PHE B 31 -7.90 -2.38 -8.24
N HIS B 32 -8.76 -2.24 -9.24
CA HIS B 32 -8.79 -1.05 -10.11
C HIS B 32 -10.14 -1.07 -10.80
N PRO B 33 -10.90 0.03 -10.92
CA PRO B 33 -10.58 1.35 -10.37
C PRO B 33 -10.73 1.39 -8.85
N SER B 34 -10.51 2.56 -8.27
CA SER B 34 -10.40 2.74 -6.80
C SER B 34 -11.78 2.77 -6.13
N ASP B 35 -12.87 3.02 -6.86
CA ASP B 35 -14.24 3.05 -6.30
C ASP B 35 -14.54 1.67 -5.70
N ILE B 36 -14.76 1.60 -4.40
CA ILE B 36 -14.98 0.29 -3.74
C ILE B 36 -15.80 0.54 -2.49
N GLU B 37 -16.65 -0.41 -2.15
CA GLU B 37 -17.46 -0.33 -0.91
C GLU B 37 -17.05 -1.50 -0.02
N VAL B 38 -16.69 -1.21 1.22
CA VAL B 38 -16.22 -2.23 2.19
C VAL B 38 -16.95 -1.99 3.50
N ASP B 39 -17.71 -3.00 3.91
CA ASP B 39 -18.42 -2.99 5.21
C ASP B 39 -17.85 -4.11 6.07
N LEU B 40 -17.66 -3.81 7.36
CA LEU B 40 -17.40 -4.84 8.38
C LEU B 40 -18.74 -5.20 8.98
N LEU B 41 -19.02 -6.51 9.10
CA LEU B 41 -20.29 -7.02 9.63
C LEU B 41 -20.06 -7.72 10.97
N LYS B 42 -20.94 -7.47 11.93
CA LYS B 42 -21.05 -8.22 13.20
C LYS B 42 -22.40 -8.93 13.19
N ASN B 43 -22.40 -10.26 13.14
CA ASN B 43 -23.63 -11.08 13.13
C ASN B 43 -24.52 -10.62 11.97
N GLY B 44 -23.90 -10.37 10.82
CA GLY B 44 -24.60 -10.00 9.57
C GLY B 44 -24.97 -8.52 9.46
N GLU B 45 -24.77 -7.72 10.50
CA GLU B 45 -25.18 -6.29 10.52
C GLU B 45 -23.96 -5.37 10.36
N ARG B 46 -24.14 -4.29 9.63
CA ARG B 46 -23.05 -3.32 9.34
C ARG B 46 -22.59 -2.69 10.66
N ILE B 47 -21.27 -2.69 10.88
CA ILE B 47 -20.62 -1.98 12.02
C ILE B 47 -20.48 -0.50 11.62
N GLU B 48 -20.80 0.43 12.53
N GLU B 48 -20.90 0.40 12.52
CA GLU B 48 -20.67 1.89 12.26
CA GLU B 48 -21.10 1.85 12.24
C GLU B 48 -19.28 2.36 12.70
C GLU B 48 -19.74 2.57 12.19
N LYS B 49 -18.84 3.53 12.22
N LYS B 49 -18.93 2.44 13.23
CA LYS B 49 -17.59 4.21 12.67
CA LYS B 49 -17.66 3.22 13.39
C LYS B 49 -16.35 3.37 12.29
C LYS B 49 -16.53 2.49 12.67
N VAL B 50 -16.50 2.46 11.33
CA VAL B 50 -15.37 1.78 10.65
C VAL B 50 -14.48 2.82 9.97
N GLU B 51 -13.17 2.73 10.21
CA GLU B 51 -12.17 3.65 9.59
C GLU B 51 -11.44 2.92 8.47
N HIS B 52 -10.76 3.68 7.62
CA HIS B 52 -9.90 3.07 6.58
C HIS B 52 -8.61 3.87 6.42
N SER B 53 -7.62 3.18 5.90
CA SER B 53 -6.31 3.74 5.55
C SER B 53 -6.50 4.72 4.37
N ASP B 54 -5.48 5.54 4.15
CA ASP B 54 -5.46 6.50 3.04
C ASP B 54 -5.21 5.72 1.76
N LEU B 55 -5.94 6.05 0.70
CA LEU B 55 -5.81 5.36 -0.61
C LEU B 55 -4.36 5.36 -1.11
N SER B 56 -3.84 4.17 -1.33
CA SER B 56 -2.45 3.92 -1.77
CA SER B 56 -2.46 3.99 -1.84
C SER B 56 -2.47 2.90 -2.91
N PHE B 57 -1.33 2.65 -3.52
CA PHE B 57 -1.28 1.66 -4.61
C PHE B 57 0.10 1.07 -4.73
N SER B 58 0.12 -0.08 -5.37
CA SER B 58 1.32 -0.93 -5.56
C SER B 58 2.04 -0.55 -6.84
N LYS B 59 3.20 -1.15 -7.09
CA LYS B 59 4.01 -0.74 -8.26
C LYS B 59 3.27 -1.07 -9.57
N ASP B 60 2.29 -1.99 -9.59
CA ASP B 60 1.46 -2.30 -10.79
C ASP B 60 0.23 -1.38 -10.89
N TRP B 61 0.19 -0.35 -10.04
CA TRP B 61 -0.84 0.71 -10.01
C TRP B 61 -2.13 0.22 -9.34
N SER B 62 -2.20 -1.02 -8.88
CA SER B 62 -3.43 -1.52 -8.22
C SER B 62 -3.54 -0.96 -6.81
N PHE B 63 -4.75 -0.68 -6.41
CA PHE B 63 -5.04 0.02 -5.14
C PHE B 63 -5.08 -0.96 -3.98
N TYR B 64 -4.83 -0.44 -2.79
CA TYR B 64 -5.04 -1.20 -1.53
C TYR B 64 -5.56 -0.27 -0.44
N LEU B 65 -6.42 -0.81 0.41
CA LEU B 65 -7.03 -0.11 1.56
C LEU B 65 -7.13 -1.11 2.69
N LEU B 66 -6.92 -0.63 3.90
CA LEU B 66 -7.23 -1.39 5.14
C LEU B 66 -8.44 -0.75 5.81
N TYR B 67 -9.52 -1.50 5.98
CA TYR B 67 -10.69 -1.09 6.78
C TYR B 67 -10.58 -1.74 8.16
N TYR B 68 -10.86 -0.99 9.20
CA TYR B 68 -10.60 -1.52 10.55
C TYR B 68 -11.56 -0.90 11.57
N THR B 69 -11.80 -1.67 12.63
CA THR B 69 -12.59 -1.22 13.80
C THR B 69 -12.04 -1.88 15.07
N GLU B 70 -12.05 -1.17 16.19
CA GLU B 70 -11.78 -1.73 17.52
C GLU B 70 -12.93 -2.71 17.84
N PHE B 71 -12.61 -3.89 18.36
CA PHE B 71 -13.63 -4.89 18.76
C PHE B 71 -13.07 -5.76 19.87
N THR B 72 -13.98 -6.38 20.62
CA THR B 72 -13.69 -7.40 21.65
C THR B 72 -14.30 -8.71 21.17
N PRO B 73 -13.47 -9.66 20.66
CA PRO B 73 -13.98 -10.94 20.20
C PRO B 73 -14.61 -11.74 21.36
N THR B 74 -15.66 -12.49 21.04
CA THR B 74 -16.32 -13.46 21.95
C THR B 74 -16.39 -14.83 21.28
N GLU B 75 -16.89 -15.83 22.01
CA GLU B 75 -17.13 -17.18 21.45
C GLU B 75 -18.15 -17.09 20.31
N LYS B 76 -19.25 -16.36 20.51
CA LYS B 76 -20.48 -16.50 19.69
C LYS B 76 -20.57 -15.45 18.58
N ASP B 77 -19.95 -14.28 18.75
CA ASP B 77 -20.09 -13.16 17.78
C ASP B 77 -19.38 -13.54 16.48
N GLU B 78 -20.08 -13.42 15.35
CA GLU B 78 -19.50 -13.74 14.00
C GLU B 78 -19.16 -12.44 13.31
N TYR B 79 -18.00 -12.38 12.66
CA TYR B 79 -17.54 -11.16 11.97
C TYR B 79 -17.23 -11.50 10.52
N ALA B 80 -17.38 -10.51 9.65
CA ALA B 80 -17.13 -10.68 8.22
C ALA B 80 -16.85 -9.33 7.58
N CYS B 81 -16.39 -9.40 6.36
CA CYS B 81 -16.15 -8.25 5.49
C CYS B 81 -16.97 -8.45 4.22
N ARG B 82 -17.69 -7.43 3.81
CA ARG B 82 -18.52 -7.42 2.57
C ARG B 82 -17.97 -6.37 1.62
N VAL B 83 -17.63 -6.78 0.41
CA VAL B 83 -16.99 -5.89 -0.58
C VAL B 83 -17.82 -5.84 -1.84
N ASN B 84 -18.05 -4.63 -2.33
CA ASN B 84 -18.67 -4.39 -3.64
C ASN B 84 -17.68 -3.63 -4.50
N HIS B 85 -17.58 -4.03 -5.76
CA HIS B 85 -16.65 -3.45 -6.73
C HIS B 85 -17.21 -3.76 -8.12
N VAL B 86 -16.87 -2.95 -9.12
CA VAL B 86 -17.40 -3.12 -10.49
C VAL B 86 -17.07 -4.52 -11.02
N THR B 87 -15.95 -5.11 -10.57
CA THR B 87 -15.51 -6.44 -11.04
C THR B 87 -16.32 -7.58 -10.42
N LEU B 88 -17.09 -7.33 -9.36
CA LEU B 88 -17.80 -8.40 -8.63
C LEU B 88 -19.28 -8.40 -9.02
N SER B 89 -19.77 -9.51 -9.56
CA SER B 89 -21.17 -9.60 -10.03
C SER B 89 -22.12 -9.68 -8.83
N GLN B 90 -21.60 -10.05 -7.66
CA GLN B 90 -22.37 -9.96 -6.40
C GLN B 90 -21.39 -9.57 -5.30
N PRO B 91 -21.88 -9.12 -4.14
CA PRO B 91 -21.01 -8.74 -3.04
C PRO B 91 -20.16 -9.96 -2.64
N LYS B 92 -18.89 -9.72 -2.33
CA LYS B 92 -18.01 -10.81 -1.85
C LYS B 92 -17.99 -10.72 -0.32
N ILE B 93 -18.40 -11.78 0.36
CA ILE B 93 -18.42 -11.81 1.85
C ILE B 93 -17.36 -12.81 2.28
N VAL B 94 -16.39 -12.32 3.05
CA VAL B 94 -15.33 -13.16 3.66
C VAL B 94 -15.53 -13.16 5.16
N LYS B 95 -15.70 -14.34 5.75
CA LYS B 95 -15.94 -14.51 7.19
C LYS B 95 -14.61 -14.44 7.94
N TRP B 96 -14.61 -13.82 9.11
CA TRP B 96 -13.43 -13.82 9.99
C TRP B 96 -13.26 -15.21 10.61
N ASP B 97 -12.08 -15.80 10.46
CA ASP B 97 -11.64 -17.04 11.14
C ASP B 97 -10.44 -16.67 11.99
N ARG B 98 -10.55 -16.78 13.32
CA ARG B 98 -9.47 -16.34 14.24
C ARG B 98 -8.17 -17.11 13.98
N ASP B 99 -8.24 -18.24 13.26
CA ASP B 99 -7.08 -19.10 12.92
C ASP B 99 -6.46 -18.71 11.57
N MET B 100 -6.89 -17.60 10.92
CA MET B 100 -6.37 -17.20 9.58
C MET B 100 -6.22 -15.68 9.49
N GLU C 1 9.61 15.74 1.57
CA GLU C 1 8.63 16.78 1.17
C GLU C 1 8.29 16.56 -0.30
N PRO C 2 7.06 16.90 -0.73
CA PRO C 2 6.65 16.68 -2.12
C PRO C 2 7.31 17.67 -3.08
N ARG C 3 7.33 17.28 -4.35
CA ARG C 3 7.83 18.08 -5.48
C ARG C 3 6.80 19.16 -5.83
N PRO C 5 4.39 21.52 -8.09
CA PRO C 5 3.46 21.06 -9.12
C PRO C 5 4.07 20.99 -10.52
N SER C 6 3.69 19.95 -11.25
CA SER C 6 4.09 19.69 -12.65
C SER C 6 3.30 20.58 -13.62
N HIS C 7 3.80 20.70 -14.84
CA HIS C 7 3.00 21.19 -16.00
CA HIS C 7 3.04 21.16 -16.03
C HIS C 7 1.90 20.15 -16.25
N SER C 8 0.77 20.57 -16.76
CA SER C 8 -0.31 19.62 -17.08
C SER C 8 0.16 18.74 -18.23
N MET C 9 -0.47 17.58 -18.36
CA MET C 9 -0.19 16.60 -19.42
C MET C 9 -0.84 17.05 -20.75
#